data_3CA5
#
_entry.id   3CA5
#
_cell.length_a   126.124
_cell.length_b   126.124
_cell.length_c   76.039
_cell.angle_alpha   90.00
_cell.angle_beta   90.00
_cell.angle_gamma   90.00
#
_symmetry.space_group_name_H-M   'I 41 2 2'
#
loop_
_entity.id
_entity.type
_entity.pdbx_description
1 polymer 'Agglutinin II'
2 branched alpha-L-fucopyranose-(1-3)-[2-acetamido-2-deoxy-beta-D-glucopyranose-(1-4)]2-acetamido-2-deoxy-beta-D-glucopyranose
3 branched 2-acetamido-2-deoxy-beta-D-glucopyranose-(1-4)-2-acetamido-2-deoxy-beta-D-glucopyranose
4 non-polymer 2-acetamido-2-deoxy-beta-D-glucopyranose
5 non-polymer 'methyl alpha-D-galactopyranoside'
6 non-polymer 'SULFATE ION'
7 non-polymer 'ACETATE ION'
8 water water
#
_entity_poly.entity_id   1
_entity_poly.type   'polypeptide(L)'
_entity_poly.pdbx_seq_one_letter_code
;TSFTRNIVGRDGLCVDVRNGYDTDGTPLQLWPCGTQRNQRWTFDSDDTIRSMGKCMTANGLNNGSNIVIFNCSTAAENAI
KWEVPIDGSIINPSSGLVMTAPRAASRTILLLEDNIYAASQGWTVTNNVKPIVASIVGYKEMCLQSNGENNGVWMEDCEA
TSLQQQWALYGDRTIRVNSTRGLCVTTNGYNSKDLIIILKCQGLPSQRWFFNSDGAIVNPKSRLVMDVRASNVSLREIII
FPATGNPNQQWVTQVLPS
;
_entity_poly.pdbx_strand_id   A
#
loop_
_chem_comp.id
_chem_comp.type
_chem_comp.name
_chem_comp.formula
ACT non-polymer 'ACETATE ION' 'C2 H3 O2 -1'
AMG D-saccharide 'methyl alpha-D-galactopyranoside' 'C7 H14 O6'
FUC L-saccharide, alpha linking alpha-L-fucopyranose 'C6 H12 O5'
NAG D-saccharide, beta linking 2-acetamido-2-deoxy-beta-D-glucopyranose 'C8 H15 N O6'
SO4 non-polymer 'SULFATE ION' 'O4 S -2'
#
# COMPACT_ATOMS: atom_id res chain seq x y z
N THR A 1 25.68 -1.39 -3.33
CA THR A 1 24.67 -2.34 -3.89
C THR A 1 23.71 -2.98 -2.87
N SER A 2 23.83 -2.60 -1.59
CA SER A 2 22.80 -2.89 -0.62
C SER A 2 22.37 -1.64 0.12
N PHE A 3 21.10 -1.61 0.58
CA PHE A 3 20.61 -0.46 1.33
C PHE A 3 19.54 -1.01 2.29
N THR A 4 19.28 -0.28 3.37
CA THR A 4 18.45 -0.82 4.44
C THR A 4 17.30 0.11 4.77
N ARG A 5 16.10 -0.46 5.01
CA ARG A 5 14.89 0.33 5.18
C ARG A 5 13.96 -0.44 6.12
N ASN A 6 12.89 0.22 6.59
CA ASN A 6 11.73 -0.51 7.15
C ASN A 6 10.82 -0.96 6.00
N ILE A 7 9.87 -1.87 6.29
CA ILE A 7 8.84 -2.22 5.28
C ILE A 7 7.51 -2.00 5.99
N VAL A 8 6.74 -1.00 5.52
CA VAL A 8 5.46 -0.62 6.13
C VAL A 8 4.31 -1.28 5.33
N GLY A 9 3.30 -1.82 6.03
CA GLY A 9 2.14 -2.42 5.35
C GLY A 9 0.87 -2.13 6.10
N ARG A 10 0.01 -3.17 6.20
CA ARG A 10 -1.37 -3.01 6.64
C ARG A 10 -1.54 -2.15 7.88
N ASP A 11 -2.41 -1.14 7.77
CA ASP A 11 -2.71 -0.18 8.87
C ASP A 11 -1.47 0.59 9.35
N GLY A 12 -0.41 0.62 8.51
CA GLY A 12 0.79 1.40 8.89
C GLY A 12 1.72 0.67 9.83
N LEU A 13 1.45 -0.61 10.10
CA LEU A 13 2.37 -1.40 10.95
C LEU A 13 3.52 -1.92 10.06
N CYS A 14 4.61 -2.39 10.66
CA CYS A 14 5.81 -2.75 9.92
C CYS A 14 6.05 -4.25 9.98
N VAL A 15 6.82 -4.73 9.01
CA VAL A 15 7.25 -6.15 8.94
C VAL A 15 8.34 -6.35 10.00
N ASP A 16 8.13 -7.31 10.88
CA ASP A 16 8.94 -7.43 12.12
C ASP A 16 9.21 -8.89 12.38
N VAL A 17 10.47 -9.25 12.66
CA VAL A 17 10.79 -10.65 12.97
C VAL A 17 10.36 -10.93 14.43
N ARG A 18 9.43 -11.89 14.61
CA ARG A 18 8.67 -12.00 15.86
C ARG A 18 9.58 -12.13 17.11
N ASN A 19 9.29 -11.31 18.13
CA ASN A 19 10.06 -11.27 19.40
C ASN A 19 11.48 -10.72 19.28
N GLY A 20 11.87 -10.32 18.07
CA GLY A 20 13.28 -10.01 17.76
C GLY A 20 14.22 -11.20 17.82
N TYR A 21 13.66 -12.43 17.82
CA TYR A 21 14.49 -13.64 17.80
C TYR A 21 15.07 -13.85 16.40
N ASP A 22 16.30 -14.36 16.33
CA ASP A 22 16.92 -14.65 15.03
C ASP A 22 17.10 -16.13 14.71
N THR A 23 16.49 -17.02 15.50
N THR A 23 16.43 -17.01 15.49
CA THR A 23 16.65 -18.41 15.21
CA THR A 23 16.48 -18.44 15.25
C THR A 23 15.97 -18.74 13.87
C THR A 23 15.87 -18.80 13.89
N ASP A 24 16.51 -19.70 13.13
CA ASP A 24 15.93 -20.11 11.84
C ASP A 24 14.47 -20.50 12.01
N GLY A 25 13.62 -19.99 11.12
CA GLY A 25 12.22 -20.34 11.19
C GLY A 25 11.36 -19.37 11.93
N THR A 26 11.95 -18.30 12.50
CA THR A 26 11.13 -17.35 13.27
C THR A 26 10.21 -16.60 12.30
N PRO A 27 8.88 -16.69 12.50
N PRO A 27 8.92 -16.54 12.61
CA PRO A 27 7.92 -15.98 11.61
CA PRO A 27 8.06 -15.97 11.57
C PRO A 27 7.95 -14.44 11.58
C PRO A 27 8.19 -14.46 11.48
N LEU A 28 7.63 -13.88 10.41
CA LEU A 28 7.49 -12.44 10.27
C LEU A 28 6.06 -12.07 10.65
N GLN A 29 5.88 -10.90 11.25
CA GLN A 29 4.58 -10.46 11.74
C GLN A 29 4.45 -8.95 11.50
N LEU A 30 3.25 -8.42 11.74
CA LEU A 30 3.10 -6.96 11.86
C LEU A 30 3.37 -6.50 13.30
N TRP A 31 4.01 -5.34 13.45
CA TRP A 31 4.23 -4.74 14.75
C TRP A 31 4.40 -3.23 14.54
N PRO A 32 3.97 -2.39 15.50
CA PRO A 32 4.16 -0.96 15.31
C PRO A 32 5.63 -0.62 14.95
N CYS A 33 5.78 0.35 14.04
CA CYS A 33 7.09 0.60 13.43
C CYS A 33 8.07 1.19 14.44
N GLY A 34 9.32 0.77 14.31
CA GLY A 34 10.41 1.34 15.12
C GLY A 34 11.75 1.04 14.48
N THR A 35 12.82 1.42 15.20
CA THR A 35 14.19 1.34 14.70
C THR A 35 14.88 0.00 15.06
N GLN A 36 14.17 -0.89 15.77
CA GLN A 36 14.81 -2.16 16.21
C GLN A 36 15.33 -2.96 15.04
N ARG A 37 16.42 -3.69 15.23
CA ARG A 37 17.08 -4.38 14.13
C ARG A 37 16.24 -5.40 13.40
N ASN A 38 15.27 -5.98 14.12
CA ASN A 38 14.38 -6.99 13.53
C ASN A 38 13.25 -6.34 12.66
N GLN A 39 13.30 -5.00 12.54
CA GLN A 39 12.46 -4.24 11.56
C GLN A 39 13.32 -3.60 10.45
N ARG A 40 14.64 -3.83 10.47
CA ARG A 40 15.52 -3.18 9.48
C ARG A 40 15.87 -4.25 8.45
N TRP A 41 15.48 -3.99 7.19
CA TRP A 41 15.57 -4.97 6.12
C TRP A 41 16.57 -4.43 5.10
N THR A 42 17.57 -5.23 4.78
CA THR A 42 18.62 -4.86 3.83
C THR A 42 18.33 -5.57 2.49
N PHE A 43 18.23 -4.75 1.42
CA PHE A 43 17.90 -5.26 0.07
C PHE A 43 19.21 -5.35 -0.69
N ASP A 44 19.57 -6.57 -1.05
N ASP A 44 19.51 -6.51 -1.27
CA ASP A 44 20.87 -6.87 -1.67
CA ASP A 44 20.73 -6.66 -2.11
C ASP A 44 20.67 -7.05 -3.17
C ASP A 44 20.47 -7.10 -3.55
N SER A 45 21.75 -6.94 -3.94
N SER A 45 21.48 -6.80 -4.37
CA SER A 45 21.60 -7.12 -5.39
CA SER A 45 21.54 -7.19 -5.78
C SER A 45 21.12 -8.50 -5.85
C SER A 45 21.32 -8.68 -6.05
N ASP A 46 21.42 -9.53 -5.04
CA ASP A 46 21.04 -10.92 -5.26
C ASP A 46 19.54 -11.22 -5.01
N ASP A 47 18.75 -10.16 -4.79
CA ASP A 47 17.30 -10.24 -4.60
C ASP A 47 16.90 -10.84 -3.26
N THR A 48 17.83 -10.89 -2.31
CA THR A 48 17.46 -11.28 -0.94
C THR A 48 17.07 -10.05 -0.12
N ILE A 49 16.32 -10.27 0.97
CA ILE A 49 15.91 -9.16 1.84
C ILE A 49 16.26 -9.71 3.22
N ARG A 50 17.17 -9.02 3.92
CA ARG A 50 17.80 -9.61 5.11
C ARG A 50 17.58 -8.77 6.37
N SER A 51 17.39 -9.47 7.49
CA SER A 51 17.35 -8.80 8.77
C SER A 51 18.15 -9.62 9.74
N MET A 52 18.90 -8.91 10.61
CA MET A 52 19.74 -9.60 11.59
C MET A 52 20.68 -10.66 10.94
N GLY A 53 21.10 -10.36 9.72
CA GLY A 53 22.03 -11.18 8.98
C GLY A 53 21.47 -12.43 8.33
N LYS A 54 20.13 -12.61 8.45
CA LYS A 54 19.46 -13.76 7.86
C LYS A 54 18.43 -13.30 6.83
N CYS A 55 17.92 -14.25 6.07
CA CYS A 55 17.06 -13.95 4.89
C CYS A 55 15.56 -14.12 5.13
N MET A 56 14.80 -13.16 4.63
CA MET A 56 13.34 -13.36 4.44
C MET A 56 13.15 -14.60 3.57
N THR A 57 12.41 -15.58 4.07
CA THR A 57 12.34 -16.92 3.45
C THR A 57 10.93 -17.47 3.42
N ALA A 58 10.49 -17.97 2.25
CA ALA A 58 9.21 -18.68 2.15
C ALA A 58 9.37 -20.05 2.78
N ASN A 59 8.58 -20.34 3.84
CA ASN A 59 8.72 -21.65 4.56
C ASN A 59 7.70 -22.49 3.89
N GLY A 60 8.01 -22.87 2.66
CA GLY A 60 7.04 -23.43 1.75
C GLY A 60 6.63 -22.44 0.70
N LEU A 61 6.22 -22.95 -0.45
CA LEU A 61 5.79 -22.12 -1.57
C LEU A 61 4.34 -22.41 -2.05
N ASN A 62 3.40 -22.63 -1.12
CA ASN A 62 1.93 -22.82 -1.36
C ASN A 62 1.03 -21.71 -0.81
N ASN A 63 -0.25 -21.62 -1.24
CA ASN A 63 -1.22 -20.62 -0.74
C ASN A 63 -1.35 -20.83 0.77
N GLY A 64 -0.90 -19.83 1.53
CA GLY A 64 -1.02 -19.88 3.00
C GLY A 64 0.31 -20.19 3.69
N SER A 65 1.37 -20.42 2.93
CA SER A 65 2.69 -20.71 3.49
C SER A 65 3.23 -19.53 4.29
N ASN A 66 3.85 -19.83 5.41
CA ASN A 66 4.47 -18.82 6.27
C ASN A 66 5.75 -18.22 5.67
N ILE A 67 5.99 -16.95 6.01
CA ILE A 67 7.27 -16.31 5.68
C ILE A 67 8.03 -16.15 7.03
N VAL A 68 9.32 -16.52 7.01
CA VAL A 68 10.14 -16.58 8.21
C VAL A 68 11.50 -15.97 7.94
N ILE A 69 12.33 -15.86 8.96
CA ILE A 69 13.76 -15.59 8.77
C ILE A 69 14.50 -16.92 8.74
N PHE A 70 15.54 -17.01 7.92
CA PHE A 70 16.30 -18.28 7.83
C PHE A 70 17.67 -17.94 7.31
N ASN A 71 18.66 -18.68 7.80
CA ASN A 71 20.07 -18.61 7.29
C ASN A 71 20.09 -18.55 5.75
N CYS A 72 20.73 -17.52 5.19
CA CYS A 72 20.72 -17.30 3.74
C CYS A 72 21.45 -18.37 2.92
N SER A 73 22.47 -18.99 3.49
N SER A 73 22.48 -18.97 3.51
CA SER A 73 23.24 -19.96 2.70
CA SER A 73 23.26 -19.95 2.75
C SER A 73 22.69 -21.37 2.80
C SER A 73 22.55 -21.30 2.72
N THR A 74 21.87 -21.65 3.82
CA THR A 74 21.25 -22.96 3.93
C THR A 74 19.84 -23.06 3.40
N ALA A 75 19.11 -21.93 3.36
CA ALA A 75 17.75 -21.96 2.78
C ALA A 75 17.80 -22.30 1.29
N ALA A 76 16.68 -22.79 0.77
CA ALA A 76 16.56 -23.02 -0.68
C ALA A 76 16.58 -21.68 -1.45
N GLU A 77 17.34 -21.64 -2.56
CA GLU A 77 17.48 -20.42 -3.36
C GLU A 77 16.11 -19.87 -3.76
N ASN A 78 15.18 -20.75 -4.20
CA ASN A 78 13.82 -20.29 -4.63
C ASN A 78 13.08 -19.58 -3.52
N ALA A 79 13.43 -19.92 -2.28
CA ALA A 79 12.67 -19.48 -1.09
C ALA A 79 13.16 -18.14 -0.57
N ILE A 80 14.37 -17.68 -1.01
CA ILE A 80 14.93 -16.43 -0.50
C ILE A 80 15.02 -15.30 -1.51
N LYS A 81 14.47 -15.51 -2.70
CA LYS A 81 14.51 -14.44 -3.74
C LYS A 81 13.14 -13.73 -3.77
N TRP A 82 13.16 -12.38 -3.81
CA TRP A 82 11.96 -11.59 -3.73
C TRP A 82 12.10 -10.47 -4.76
N GLU A 83 10.96 -9.98 -5.26
CA GLU A 83 10.95 -8.73 -6.05
C GLU A 83 9.95 -7.76 -5.50
N VAL A 84 10.14 -6.47 -5.81
CA VAL A 84 9.30 -5.41 -5.26
C VAL A 84 8.64 -4.60 -6.40
N PRO A 85 7.50 -5.12 -6.93
CA PRO A 85 6.86 -4.43 -8.05
C PRO A 85 6.46 -3.01 -7.69
N ILE A 86 6.37 -2.16 -8.74
CA ILE A 86 6.14 -0.76 -8.51
C ILE A 86 4.78 -0.50 -7.85
N ASP A 87 3.81 -1.45 -7.97
CA ASP A 87 2.50 -1.28 -7.34
C ASP A 87 2.50 -1.60 -5.85
N GLY A 88 3.66 -1.94 -5.31
CA GLY A 88 3.77 -2.15 -3.84
C GLY A 88 3.61 -3.59 -3.36
N SER A 89 3.50 -4.55 -4.28
CA SER A 89 3.51 -5.96 -3.83
C SER A 89 4.94 -6.36 -3.37
N ILE A 90 5.03 -7.46 -2.65
CA ILE A 90 6.33 -8.12 -2.41
C ILE A 90 6.06 -9.56 -2.83
N ILE A 91 6.72 -9.96 -3.93
CA ILE A 91 6.42 -11.22 -4.55
C ILE A 91 7.60 -12.17 -4.45
N ASN A 92 7.30 -13.47 -4.25
CA ASN A 92 8.30 -14.52 -4.36
C ASN A 92 8.21 -15.05 -5.80
N PRO A 93 9.22 -14.76 -6.63
CA PRO A 93 9.11 -15.08 -8.06
C PRO A 93 8.88 -16.56 -8.35
N SER A 94 9.44 -17.44 -7.53
CA SER A 94 9.36 -18.88 -7.83
C SER A 94 7.90 -19.35 -7.81
N SER A 95 7.16 -18.97 -6.77
CA SER A 95 5.79 -19.38 -6.54
C SER A 95 4.78 -18.43 -7.19
N GLY A 96 5.19 -17.18 -7.43
CA GLY A 96 4.22 -16.15 -7.81
C GLY A 96 3.26 -15.68 -6.72
N LEU A 97 3.46 -16.16 -5.48
CA LEU A 97 2.59 -15.74 -4.37
C LEU A 97 3.16 -14.44 -3.80
N VAL A 98 2.32 -13.70 -3.09
CA VAL A 98 2.75 -12.40 -2.56
C VAL A 98 2.56 -12.31 -1.04
N MET A 99 3.39 -11.46 -0.42
N MET A 99 3.41 -11.50 -0.39
CA MET A 99 3.33 -11.21 1.02
CA MET A 99 3.34 -11.38 1.06
C MET A 99 1.92 -10.66 1.37
C MET A 99 2.02 -10.65 1.45
N THR A 100 1.27 -11.26 2.39
CA THR A 100 -0.09 -10.83 2.77
C THR A 100 -0.21 -10.73 4.28
N ALA A 101 -0.85 -9.68 4.75
CA ALA A 101 -1.18 -9.52 6.20
C ALA A 101 -2.67 -9.84 6.35
N PRO A 102 -3.01 -11.07 6.80
CA PRO A 102 -4.47 -11.49 6.72
C PRO A 102 -5.39 -10.78 7.73
N ARG A 103 -4.83 -10.14 8.75
CA ARG A 103 -5.60 -9.36 9.74
C ARG A 103 -4.81 -8.05 9.95
N ALA A 104 -5.47 -7.02 10.48
CA ALA A 104 -4.75 -5.74 10.78
C ALA A 104 -3.98 -5.71 12.16
N ALA A 105 -4.29 -6.65 13.02
CA ALA A 105 -3.82 -6.57 14.40
C ALA A 105 -2.32 -6.70 14.49
N SER A 106 -1.71 -6.02 15.47
N SER A 106 -1.74 -6.01 15.49
CA SER A 106 -0.33 -6.36 15.82
CA SER A 106 -0.37 -6.36 15.94
C SER A 106 -0.24 -7.86 16.13
C SER A 106 -0.27 -7.89 16.10
N ARG A 107 0.90 -8.44 15.78
CA ARG A 107 1.19 -9.88 15.91
C ARG A 107 0.53 -10.79 14.86
N THR A 108 -0.14 -10.18 13.84
CA THR A 108 -0.61 -10.98 12.73
C THR A 108 0.63 -11.51 11.99
N ILE A 109 0.60 -12.80 11.68
CA ILE A 109 1.67 -13.49 10.98
C ILE A 109 1.52 -13.33 9.49
N LEU A 110 2.65 -13.08 8.83
CA LEU A 110 2.63 -12.77 7.42
C LEU A 110 2.70 -14.08 6.59
N LEU A 111 1.88 -14.17 5.53
CA LEU A 111 1.78 -15.39 4.73
C LEU A 111 1.98 -15.08 3.27
N LEU A 112 2.39 -16.07 2.52
CA LEU A 112 2.33 -16.01 1.05
C LEU A 112 0.96 -16.45 0.60
N GLU A 113 0.28 -15.63 -0.19
CA GLU A 113 -1.03 -16.05 -0.71
C GLU A 113 -1.18 -15.62 -2.15
N ASP A 114 -2.18 -16.22 -2.80
CA ASP A 114 -2.51 -15.84 -4.17
C ASP A 114 -2.67 -14.33 -4.28
N ASN A 115 -2.12 -13.73 -5.34
CA ASN A 115 -2.24 -12.26 -5.49
C ASN A 115 -3.64 -11.93 -5.95
N ILE A 116 -4.34 -11.13 -5.12
CA ILE A 116 -5.66 -10.57 -5.48
C ILE A 116 -5.62 -9.04 -5.49
N TYR A 117 -4.39 -8.50 -5.45
CA TYR A 117 -4.18 -7.04 -5.43
C TYR A 117 -4.91 -6.40 -4.23
N ALA A 118 -4.92 -7.08 -3.06
CA ALA A 118 -5.63 -6.55 -1.91
C ALA A 118 -4.76 -5.47 -1.24
N ALA A 119 -5.38 -4.55 -0.51
CA ALA A 119 -4.60 -3.64 0.34
C ALA A 119 -3.85 -4.41 1.42
N SER A 120 -4.34 -5.61 1.82
CA SER A 120 -3.56 -6.45 2.75
C SER A 120 -2.25 -6.98 2.13
N GLN A 121 -2.06 -6.75 0.81
CA GLN A 121 -0.88 -7.23 0.07
C GLN A 121 -0.07 -6.01 -0.45
N GLY A 122 -0.37 -4.80 0.07
CA GLY A 122 0.40 -3.58 -0.32
C GLY A 122 1.48 -3.30 0.73
N TRP A 123 2.69 -2.90 0.30
CA TRP A 123 3.80 -2.60 1.22
C TRP A 123 4.59 -1.39 0.66
N THR A 124 5.32 -0.69 1.53
CA THR A 124 6.17 0.42 1.15
C THR A 124 7.52 0.28 1.82
N VAL A 125 8.59 0.25 1.00
CA VAL A 125 9.95 0.13 1.51
C VAL A 125 10.46 1.55 1.73
N THR A 126 10.71 1.90 2.99
CA THR A 126 10.97 3.31 3.30
C THR A 126 11.60 3.47 4.68
N ASN A 127 12.30 4.60 4.91
CA ASN A 127 12.76 4.92 6.27
C ASN A 127 11.78 5.79 7.03
N ASN A 128 10.83 6.41 6.31
CA ASN A 128 9.78 7.21 6.99
C ASN A 128 8.63 6.29 7.40
N VAL A 129 8.53 6.02 8.69
CA VAL A 129 7.52 5.02 9.12
C VAL A 129 6.16 5.69 9.49
N LYS A 130 6.00 6.97 9.17
CA LYS A 130 4.68 7.63 9.34
C LYS A 130 4.03 7.88 7.97
N PRO A 131 2.70 7.78 7.90
CA PRO A 131 1.98 8.03 6.64
C PRO A 131 2.32 9.41 6.15
N ILE A 132 2.44 9.61 4.83
N ILE A 132 2.37 9.57 4.83
CA ILE A 132 2.70 10.95 4.30
CA ILE A 132 2.62 10.85 4.21
C ILE A 132 1.35 11.65 4.11
C ILE A 132 1.27 11.60 4.22
N VAL A 133 1.26 12.87 4.66
CA VAL A 133 -0.01 13.64 4.67
C VAL A 133 0.03 14.73 3.60
N ALA A 134 -0.96 14.70 2.69
CA ALA A 134 -0.91 15.50 1.47
C ALA A 134 -2.32 15.85 0.97
N SER A 135 -2.42 16.95 0.23
N SER A 135 -2.42 16.98 0.26
CA SER A 135 -3.61 17.18 -0.59
CA SER A 135 -3.56 17.24 -0.62
C SER A 135 -3.40 16.51 -1.95
C SER A 135 -3.38 16.36 -1.87
N ILE A 136 -4.49 16.06 -2.56
CA ILE A 136 -4.43 15.40 -3.85
C ILE A 136 -5.08 16.37 -4.82
N VAL A 137 -4.25 16.99 -5.67
CA VAL A 137 -4.76 18.03 -6.57
C VAL A 137 -4.96 17.43 -7.96
N GLY A 138 -6.11 17.73 -8.57
CA GLY A 138 -6.47 17.15 -9.85
C GLY A 138 -6.99 18.16 -10.83
N TYR A 139 -8.05 17.71 -11.52
CA TYR A 139 -8.66 18.44 -12.59
C TYR A 139 -8.98 19.88 -12.18
N LYS A 140 -8.65 20.84 -13.09
CA LYS A 140 -8.86 22.29 -12.82
C LYS A 140 -8.12 22.83 -11.60
N GLU A 141 -7.07 22.10 -11.17
CA GLU A 141 -6.28 22.45 -9.98
C GLU A 141 -7.15 22.43 -8.73
N MET A 142 -8.21 21.64 -8.78
N MET A 142 -8.21 21.64 -8.76
CA MET A 142 -9.09 21.43 -7.61
CA MET A 142 -9.05 21.47 -7.55
C MET A 142 -8.44 20.40 -6.69
C MET A 142 -8.55 20.28 -6.75
N CYS A 143 -9.02 20.18 -5.51
CA CYS A 143 -8.55 19.18 -4.54
C CYS A 143 -9.60 18.10 -4.31
N LEU A 144 -9.13 16.86 -4.26
CA LEU A 144 -9.99 15.75 -3.91
C LEU A 144 -10.39 15.88 -2.42
N GLN A 145 -11.67 15.67 -2.13
CA GLN A 145 -12.15 15.89 -0.77
C GLN A 145 -13.04 14.76 -0.30
N SER A 146 -12.90 14.43 0.96
N SER A 146 -12.90 14.35 0.95
CA SER A 146 -13.76 13.50 1.64
CA SER A 146 -13.83 13.38 1.55
C SER A 146 -15.08 14.17 2.02
C SER A 146 -15.01 14.09 2.19
N ASN A 147 -16.12 13.35 2.24
CA ASN A 147 -17.42 13.86 2.72
C ASN A 147 -18.11 12.89 3.65
N GLY A 148 -17.31 12.14 4.40
CA GLY A 148 -17.80 11.23 5.42
C GLY A 148 -17.91 9.79 4.95
N GLU A 149 -17.95 8.86 5.90
CA GLU A 149 -18.09 7.42 5.65
C GLU A 149 -19.36 7.14 4.86
N ASN A 150 -19.21 6.23 3.90
CA ASN A 150 -20.29 5.82 2.96
C ASN A 150 -20.69 6.85 1.91
N ASN A 151 -20.01 7.99 1.89
N ASN A 151 -20.11 8.06 1.95
CA ASN A 151 -20.28 9.06 0.95
CA ASN A 151 -20.38 9.04 0.89
C ASN A 151 -19.23 9.25 -0.14
C ASN A 151 -19.34 9.03 -0.22
N GLY A 152 -19.66 9.72 -1.32
CA GLY A 152 -18.69 9.91 -2.42
C GLY A 152 -17.57 10.89 -2.05
N VAL A 153 -16.43 10.70 -2.69
CA VAL A 153 -15.42 11.77 -2.67
C VAL A 153 -15.74 12.71 -3.84
N TRP A 154 -15.25 13.95 -3.84
CA TRP A 154 -15.44 14.84 -4.97
C TRP A 154 -14.46 16.02 -4.95
N MET A 155 -14.46 16.83 -6.01
CA MET A 155 -13.50 17.94 -6.15
C MET A 155 -14.04 19.21 -5.52
N GLU A 156 -13.14 19.97 -4.89
N GLU A 156 -13.18 19.95 -4.80
CA GLU A 156 -13.51 21.27 -4.36
CA GLU A 156 -13.56 21.27 -4.24
C GLU A 156 -12.34 22.23 -4.57
C GLU A 156 -12.35 22.20 -4.31
N ASP A 157 -12.54 23.52 -4.41
CA ASP A 157 -11.39 24.47 -4.48
C ASP A 157 -10.45 24.13 -3.32
N CYS A 158 -9.14 24.06 -3.60
CA CYS A 158 -8.18 23.71 -2.52
C CYS A 158 -8.16 24.77 -1.43
N GLU A 159 -8.09 24.32 -0.17
CA GLU A 159 -8.08 25.24 0.95
C GLU A 159 -7.13 24.61 1.96
N ALA A 160 -6.09 25.36 2.34
CA ALA A 160 -5.09 24.88 3.29
C ALA A 160 -5.72 24.36 4.61
N THR A 161 -6.83 24.99 5.04
CA THR A 161 -7.63 24.65 6.25
C THR A 161 -8.66 23.59 6.13
N SER A 162 -8.90 22.99 4.94
CA SER A 162 -9.97 21.99 4.84
C SER A 162 -9.38 20.67 5.26
N LEU A 163 -9.77 20.19 6.44
CA LEU A 163 -9.27 18.89 6.90
C LEU A 163 -9.75 17.75 6.01
N GLN A 164 -10.92 17.89 5.39
CA GLN A 164 -11.42 16.79 4.54
C GLN A 164 -10.71 16.73 3.18
N GLN A 165 -9.79 17.67 2.94
CA GLN A 165 -8.88 17.60 1.76
C GLN A 165 -7.53 17.01 2.13
N GLN A 166 -7.38 16.57 3.37
CA GLN A 166 -6.09 16.07 3.83
C GLN A 166 -6.10 14.55 3.84
N TRP A 167 -5.11 13.95 3.15
CA TRP A 167 -5.08 12.46 2.96
C TRP A 167 -3.82 11.86 3.54
N ALA A 168 -3.98 10.77 4.28
CA ALA A 168 -2.83 10.04 4.78
C ALA A 168 -2.51 8.92 3.82
N LEU A 169 -1.34 8.97 3.20
CA LEU A 169 -0.97 7.95 2.26
C LEU A 169 -0.23 6.88 3.02
N TYR A 170 -0.94 5.77 3.30
CA TYR A 170 -0.42 4.70 4.13
C TYR A 170 0.51 3.71 3.39
N GLY A 171 1.38 3.03 4.14
CA GLY A 171 2.33 2.09 3.52
C GLY A 171 1.70 0.92 2.79
N ASP A 172 0.48 0.54 3.21
CA ASP A 172 -0.25 -0.55 2.56
C ASP A 172 -0.93 -0.07 1.27
N ARG A 173 -0.60 1.14 0.80
CA ARG A 173 -1.13 1.60 -0.50
C ARG A 173 -2.61 2.01 -0.45
N THR A 174 -3.09 2.23 0.77
CA THR A 174 -4.41 2.83 1.01
C THR A 174 -4.29 4.35 1.08
N ILE A 175 -5.41 5.04 0.75
CA ILE A 175 -5.44 6.48 0.82
C ILE A 175 -6.51 6.76 1.86
N ARG A 176 -6.07 7.27 3.01
CA ARG A 176 -6.99 7.39 4.16
C ARG A 176 -7.38 8.80 4.53
N VAL A 177 -8.54 8.95 5.18
CA VAL A 177 -8.98 10.28 5.67
C VAL A 177 -8.01 10.66 6.81
N ASN A 178 -7.28 11.79 6.67
CA ASN A 178 -6.20 12.01 7.65
C ASN A 178 -6.73 12.12 9.08
N SER A 179 -7.90 12.74 9.24
CA SER A 179 -8.43 12.97 10.56
C SER A 179 -9.19 11.76 11.11
N THR A 180 -9.45 10.75 10.25
CA THR A 180 -10.20 9.54 10.65
C THR A 180 -9.56 8.31 9.98
N ARG A 181 -8.44 7.84 10.53
CA ARG A 181 -7.54 6.99 9.76
C ARG A 181 -8.02 5.53 9.63
N GLY A 182 -9.20 5.21 10.20
CA GLY A 182 -9.81 3.92 9.97
C GLY A 182 -10.63 3.90 8.66
N LEU A 183 -10.68 5.02 7.92
CA LEU A 183 -11.52 5.18 6.71
C LEU A 183 -10.64 5.31 5.46
N CYS A 184 -11.05 4.61 4.37
CA CYS A 184 -10.20 4.45 3.19
C CYS A 184 -11.00 4.86 1.96
N VAL A 185 -10.32 5.46 0.99
CA VAL A 185 -10.90 5.71 -0.33
C VAL A 185 -11.09 4.33 -0.96
N THR A 186 -12.32 4.07 -1.44
CA THR A 186 -12.75 2.74 -1.86
C THR A 186 -13.57 2.81 -3.14
N THR A 187 -13.23 1.97 -4.14
CA THR A 187 -14.10 1.91 -5.31
C THR A 187 -15.30 1.00 -5.00
N ASN A 188 -16.51 1.41 -5.37
CA ASN A 188 -17.71 0.62 -5.07
C ASN A 188 -17.91 -0.33 -6.24
N GLY A 189 -16.93 -1.18 -6.48
CA GLY A 189 -16.95 -2.17 -7.55
C GLY A 189 -15.71 -2.05 -8.44
N TYR A 190 -15.55 -3.00 -9.36
CA TYR A 190 -14.37 -3.02 -10.22
C TYR A 190 -14.67 -2.74 -11.69
N ASN A 191 -15.87 -2.24 -11.95
CA ASN A 191 -16.28 -1.94 -13.31
C ASN A 191 -16.18 -0.47 -13.66
N SER A 192 -16.00 -0.20 -14.95
CA SER A 192 -15.94 1.19 -15.41
C SER A 192 -17.20 1.93 -14.92
N LYS A 193 -16.96 3.17 -14.45
CA LYS A 193 -17.98 4.11 -13.90
C LYS A 193 -18.45 3.78 -12.49
N ASP A 194 -17.89 2.75 -11.87
CA ASP A 194 -18.23 2.56 -10.45
C ASP A 194 -17.72 3.76 -9.63
N LEU A 195 -18.47 4.12 -8.57
CA LEU A 195 -18.21 5.36 -7.85
C LEU A 195 -17.15 5.15 -6.76
N ILE A 196 -16.32 6.19 -6.52
CA ILE A 196 -15.31 6.12 -5.47
C ILE A 196 -15.87 6.82 -4.22
N ILE A 197 -15.86 6.10 -3.08
CA ILE A 197 -16.51 6.55 -1.86
C ILE A 197 -15.50 6.39 -0.72
N ILE A 198 -15.94 6.72 0.49
CA ILE A 198 -15.14 6.41 1.67
C ILE A 198 -15.82 5.26 2.44
N LEU A 199 -15.07 4.22 2.77
CA LEU A 199 -15.59 3.14 3.59
C LEU A 199 -14.53 2.71 4.59
N LYS A 200 -14.99 2.03 5.67
CA LYS A 200 -14.07 1.48 6.66
C LYS A 200 -12.96 0.65 6.00
N CYS A 201 -11.70 0.91 6.37
CA CYS A 201 -10.59 0.12 5.81
C CYS A 201 -10.73 -1.37 6.21
N GLN A 202 -10.71 -2.24 5.20
CA GLN A 202 -10.97 -3.68 5.40
C GLN A 202 -9.93 -4.55 4.66
N GLY A 203 -8.85 -3.91 4.16
CA GLY A 203 -7.77 -4.62 3.49
C GLY A 203 -8.13 -5.06 2.05
N LEU A 204 -9.22 -4.53 1.46
CA LEU A 204 -9.80 -5.10 0.20
C LEU A 204 -9.06 -4.59 -1.05
N PRO A 205 -9.20 -5.35 -2.17
CA PRO A 205 -8.64 -4.85 -3.45
C PRO A 205 -9.24 -3.51 -3.89
N SER A 206 -10.49 -3.25 -3.50
CA SER A 206 -11.17 -1.98 -3.80
C SER A 206 -10.56 -0.76 -3.08
N GLN A 207 -9.66 -1.03 -2.12
CA GLN A 207 -9.04 0.04 -1.28
C GLN A 207 -7.55 0.23 -1.56
N ARG A 208 -7.05 -0.46 -2.60
CA ARG A 208 -5.62 -0.37 -2.95
C ARG A 208 -5.42 0.57 -4.14
N TRP A 209 -4.41 1.44 -4.07
CA TRP A 209 -4.18 2.44 -5.11
C TRP A 209 -2.69 2.58 -5.35
N PHE A 210 -2.35 2.99 -6.56
CA PHE A 210 -0.95 3.14 -6.99
C PHE A 210 -0.82 4.51 -7.74
N PHE A 211 0.16 5.36 -7.37
CA PHE A 211 0.43 6.61 -8.11
C PHE A 211 1.48 6.33 -9.17
N ASN A 212 1.04 6.31 -10.42
CA ASN A 212 1.91 5.87 -11.52
C ASN A 212 2.65 7.06 -12.16
N SER A 213 3.52 6.78 -13.12
CA SER A 213 4.35 7.84 -13.68
C SER A 213 3.57 8.83 -14.61
N ASP A 214 2.38 8.45 -15.07
CA ASP A 214 1.56 9.32 -15.92
C ASP A 214 0.64 10.27 -15.14
N GLY A 215 0.83 10.44 -13.81
CA GLY A 215 -0.09 11.31 -13.04
C GLY A 215 -1.42 10.60 -12.75
N ALA A 216 -1.56 9.30 -13.06
CA ALA A 216 -2.80 8.57 -12.75
C ALA A 216 -2.76 7.96 -11.33
N ILE A 217 -3.97 7.76 -10.76
CA ILE A 217 -4.12 7.01 -9.51
C ILE A 217 -4.87 5.74 -9.89
N VAL A 218 -4.13 4.63 -9.86
CA VAL A 218 -4.57 3.37 -10.43
C VAL A 218 -5.08 2.40 -9.37
N ASN A 219 -6.21 1.73 -9.64
CA ASN A 219 -6.66 0.60 -8.76
C ASN A 219 -6.14 -0.67 -9.43
N PRO A 220 -5.11 -1.33 -8.83
CA PRO A 220 -4.48 -2.45 -9.58
C PRO A 220 -5.46 -3.58 -9.96
N LYS A 221 -6.38 -3.99 -9.08
CA LYS A 221 -7.29 -5.14 -9.46
C LYS A 221 -8.06 -4.80 -10.75
N SER A 222 -8.72 -3.64 -10.76
CA SER A 222 -9.60 -3.35 -11.90
C SER A 222 -8.80 -2.93 -13.11
N ARG A 223 -7.60 -2.38 -12.87
CA ARG A 223 -6.71 -1.68 -13.85
C ARG A 223 -7.13 -0.24 -14.10
N LEU A 224 -8.26 0.15 -13.53
CA LEU A 224 -8.89 1.43 -13.87
C LEU A 224 -8.34 2.52 -12.96
N VAL A 225 -8.58 3.76 -13.36
CA VAL A 225 -7.92 4.89 -12.65
C VAL A 225 -8.95 5.94 -12.19
N MET A 226 -8.63 6.71 -11.14
N MET A 226 -8.54 6.77 -11.23
CA MET A 226 -9.60 7.73 -10.66
CA MET A 226 -9.41 7.86 -10.70
C MET A 226 -9.82 8.73 -11.78
C MET A 226 -9.76 8.89 -11.76
N ASP A 227 -11.06 9.21 -11.87
CA ASP A 227 -11.52 10.01 -13.03
C ASP A 227 -12.62 10.95 -12.59
N VAL A 228 -12.46 12.27 -12.84
CA VAL A 228 -13.54 13.21 -12.52
C VAL A 228 -14.61 13.05 -13.62
N ARG A 229 -15.76 12.45 -13.25
CA ARG A 229 -16.75 11.99 -14.22
C ARG A 229 -17.13 13.07 -15.21
N ALA A 230 -16.97 12.74 -16.50
CA ALA A 230 -17.35 13.65 -17.61
C ALA A 230 -16.68 15.02 -17.55
N SER A 231 -15.51 15.08 -16.92
CA SER A 231 -14.81 16.35 -16.72
C SER A 231 -15.77 17.43 -16.22
N ASN A 232 -16.67 17.01 -15.33
CA ASN A 232 -17.70 17.88 -14.80
C ASN A 232 -17.66 17.88 -13.28
N VAL A 233 -16.95 18.87 -12.73
CA VAL A 233 -16.80 18.91 -11.26
C VAL A 233 -18.13 19.09 -10.52
N SER A 234 -19.13 19.72 -11.14
N SER A 234 -19.11 19.71 -11.20
CA SER A 234 -20.40 19.94 -10.43
CA SER A 234 -20.42 19.96 -10.60
C SER A 234 -21.28 18.67 -10.35
C SER A 234 -21.20 18.68 -10.31
N LEU A 235 -20.88 17.60 -11.03
CA LEU A 235 -21.55 16.32 -10.81
C LEU A 235 -21.19 15.75 -9.43
N ARG A 236 -20.03 16.18 -8.88
CA ARG A 236 -19.54 15.63 -7.60
C ARG A 236 -19.51 14.13 -7.59
N GLU A 237 -18.91 13.59 -8.65
CA GLU A 237 -18.72 12.15 -8.78
C GLU A 237 -17.34 11.87 -9.31
N ILE A 238 -16.61 11.06 -8.57
CA ILE A 238 -15.30 10.57 -9.04
C ILE A 238 -15.53 9.08 -9.25
N ILE A 239 -15.08 8.57 -10.39
CA ILE A 239 -15.35 7.17 -10.75
C ILE A 239 -14.03 6.51 -11.07
N ILE A 240 -14.01 5.17 -11.19
CA ILE A 240 -12.87 4.52 -11.87
C ILE A 240 -13.21 4.39 -13.37
N PHE A 241 -12.19 4.51 -14.22
CA PHE A 241 -12.40 4.51 -15.64
C PHE A 241 -11.10 4.12 -16.31
N PRO A 242 -11.17 3.53 -17.50
CA PRO A 242 -9.90 3.22 -18.16
C PRO A 242 -8.99 4.45 -18.36
N ALA A 243 -7.67 4.26 -18.25
CA ALA A 243 -6.72 5.41 -18.37
C ALA A 243 -6.74 6.02 -19.78
N THR A 244 -6.92 7.34 -19.85
CA THR A 244 -6.95 8.08 -21.14
C THR A 244 -5.85 9.12 -21.26
N GLY A 245 -5.20 9.43 -20.14
CA GLY A 245 -4.19 10.53 -20.11
C GLY A 245 -4.80 11.94 -20.10
N ASN A 246 -6.12 12.04 -20.06
CA ASN A 246 -6.82 13.35 -20.15
C ASN A 246 -6.72 14.13 -18.80
N PRO A 247 -6.88 15.45 -18.85
CA PRO A 247 -6.76 16.27 -17.63
C PRO A 247 -7.64 15.77 -16.45
N ASN A 248 -8.80 15.18 -16.74
CA ASN A 248 -9.70 14.76 -15.62
C ASN A 248 -9.22 13.47 -14.95
N GLN A 249 -8.05 12.96 -15.37
CA GLN A 249 -7.47 11.79 -14.75
C GLN A 249 -6.04 12.07 -14.25
N GLN A 250 -5.66 13.36 -14.23
CA GLN A 250 -4.30 13.73 -13.81
C GLN A 250 -4.33 14.25 -12.38
N TRP A 251 -3.40 13.77 -11.56
CA TRP A 251 -3.34 14.07 -10.13
C TRP A 251 -1.91 14.26 -9.69
N VAL A 252 -1.72 15.08 -8.65
N VAL A 252 -1.74 15.11 -8.66
CA VAL A 252 -0.42 15.15 -8.02
CA VAL A 252 -0.45 15.32 -8.03
C VAL A 252 -0.58 15.38 -6.53
C VAL A 252 -0.65 15.34 -6.51
N THR A 253 0.30 14.79 -5.74
CA THR A 253 0.25 14.98 -4.29
C THR A 253 0.97 16.26 -3.94
N GLN A 254 0.39 17.02 -3.00
CA GLN A 254 1.08 18.21 -2.48
C GLN A 254 1.17 18.11 -0.95
N VAL A 255 2.37 17.86 -0.45
CA VAL A 255 2.58 17.65 0.96
C VAL A 255 2.09 18.86 1.73
N LEU A 256 1.50 18.55 2.87
CA LEU A 256 0.92 19.57 3.78
C LEU A 256 1.86 19.93 4.92
N PRO A 257 1.78 21.18 5.42
CA PRO A 257 2.65 21.56 6.52
C PRO A 257 2.20 20.94 7.84
C1 NAG B . -5.83 -18.77 -0.69
C2 NAG B . -7.15 -19.25 -1.35
C3 NAG B . -8.36 -18.35 -1.01
C4 NAG B . -8.39 -18.04 0.48
C5 NAG B . -7.02 -17.58 0.98
C6 NAG B . -7.00 -17.40 2.49
C7 NAG B . -6.95 -20.44 -3.49
C8 NAG B . -6.94 -20.28 -4.99
N2 NAG B . -6.97 -19.30 -2.79
O3 NAG B . -9.62 -18.96 -1.38
O4 NAG B . -9.36 -17.05 0.70
O5 NAG B . -6.04 -18.56 0.70
O6 NAG B . -7.28 -18.68 3.07
O7 NAG B . -7.00 -21.57 -3.03
C1 FUC B . -10.23 -18.44 -2.62
C2 FUC B . -11.20 -19.51 -3.12
C3 FUC B . -12.43 -19.61 -2.21
C4 FUC B . -13.11 -18.26 -2.02
C5 FUC B . -12.06 -17.26 -1.58
C6 FUC B . -12.68 -15.88 -1.37
O2 FUC B . -10.63 -20.80 -3.11
O3 FUC B . -13.28 -20.60 -2.75
O4 FUC B . -13.71 -17.82 -3.24
O5 FUC B . -11.01 -17.24 -2.54
C1 NAG B . -10.27 -17.38 1.75
C2 NAG B . -11.18 -16.18 2.04
C3 NAG B . -12.18 -16.53 3.13
C4 NAG B . -12.90 -17.84 2.80
C5 NAG B . -11.87 -18.95 2.54
C6 NAG B . -12.58 -20.25 2.17
C7 NAG B . -10.27 -13.94 1.61
C8 NAG B . -10.09 -12.60 2.29
N2 NAG B . -10.44 -14.99 2.43
O3 NAG B . -13.09 -15.45 3.23
O4 NAG B . -13.78 -18.21 3.84
O5 NAG B . -11.05 -18.54 1.46
O6 NAG B . -11.67 -21.34 2.06
O7 NAG B . -10.27 -14.01 0.37
C1 NAG C . 24.50 -19.97 8.14
C2 NAG C . 25.20 -19.21 9.24
C3 NAG C . 26.72 -19.41 9.06
C4 NAG C . 27.05 -20.89 9.00
C5 NAG C . 26.21 -21.55 7.91
C6 NAG C . 26.49 -23.03 7.75
C7 NAG C . 24.31 -17.11 10.13
C8 NAG C . 24.11 -15.64 9.95
N2 NAG C . 24.89 -17.80 9.15
O3 NAG C . 27.43 -18.73 10.09
O4 NAG C . 28.44 -21.02 8.65
O5 NAG C . 24.83 -21.36 8.21
O6 NAG C . 26.01 -23.72 8.89
O7 NAG C . 23.94 -17.65 11.17
C1 FUC C . 28.01 -17.51 9.56
C2 FUC C . 28.48 -16.63 10.70
C3 FUC C . 29.62 -17.37 11.44
C4 FUC C . 30.77 -17.65 10.47
C5 FUC C . 30.18 -18.47 9.32
C6 FUC C . 31.21 -18.90 8.29
O2 FUC C . 27.40 -16.36 11.57
O3 FUC C . 30.08 -16.66 12.56
O4 FUC C . 31.27 -16.41 10.00
O5 FUC C . 29.09 -17.76 8.69
C1 NAG C . 29.08 -21.91 9.59
C2 NAG C . 30.44 -22.28 8.99
C3 NAG C . 31.36 -22.98 10.02
C4 NAG C . 31.28 -22.28 11.38
C5 NAG C . 29.79 -22.29 11.77
C6 NAG C . 29.48 -21.90 13.22
C7 NAG C . 30.27 -22.63 6.62
C8 NAG C . 29.96 -23.55 5.47
N2 NAG C . 30.16 -23.13 7.85
O3 NAG C . 32.70 -22.99 9.56
O4 NAG C . 32.12 -22.92 12.33
O5 NAG C . 29.19 -21.37 10.89
O6 NAG C . 29.71 -20.52 13.34
O7 NAG C . 30.64 -21.47 6.38
C1 NAG D . -3.19 14.44 10.17
C2 NAG D . -2.99 15.86 10.74
C3 NAG D . -1.94 15.73 11.86
C4 NAG D . -2.21 14.63 12.92
C5 NAG D . -2.55 13.34 12.21
C6 NAG D . -2.99 12.22 13.15
C7 NAG D . -1.60 16.88 8.98
C8 NAG D . -1.46 17.91 7.90
N2 NAG D . -2.73 16.89 9.72
O3 NAG D . -1.89 16.98 12.50
O4 NAG D . -1.07 14.33 13.77
O5 NAG D . -3.59 13.60 11.26
O6 NAG D . -4.08 12.75 13.85
O7 NAG D . -0.70 16.06 9.16
C1 NAG D . -1.11 14.65 15.17
C2 NAG D . -0.01 13.78 15.78
C3 NAG D . 0.34 14.18 17.22
C4 NAG D . 0.27 15.69 17.48
C5 NAG D . -0.79 16.41 16.66
C6 NAG D . -0.56 17.92 16.71
C7 NAG D . 0.29 11.45 14.94
C8 NAG D . -0.09 10.02 15.17
N2 NAG D . -0.31 12.36 15.72
O3 NAG D . 1.65 13.70 17.52
O4 NAG D . 0.00 15.95 18.84
O5 NAG D . -0.74 15.98 15.31
O6 NAG D . 0.59 18.21 15.94
O7 NAG D . 1.14 11.67 14.05
C1 NAG E . -22.27 19.30 -15.28
C2 NAG E . -23.13 19.63 -16.51
C3 NAG E . -24.33 20.50 -16.13
C4 NAG E . -25.15 19.78 -15.07
C5 NAG E . -24.17 19.60 -13.89
C6 NAG E . -24.82 19.14 -12.59
C7 NAG E . -22.27 19.74 -18.71
C8 NAG E . -21.39 20.39 -19.75
N2 NAG E . -22.34 20.33 -17.50
O3 NAG E . -25.12 20.79 -17.26
O4 NAG E . -26.29 20.55 -14.74
O5 NAG E . -23.10 18.73 -14.29
O6 NAG E . -25.43 17.87 -12.76
O7 NAG E . -22.89 18.70 -18.97
C1 AMG F . 9.70 -7.24 21.01
C2 AMG F . 10.47 -6.74 19.79
C3 AMG F . 9.44 -6.21 18.77
C4 AMG F . 8.34 -7.25 18.46
C5 AMG F . 7.63 -7.62 19.77
C6 AMG F . 6.46 -8.57 19.64
C7 AMG F . 8.62 -6.48 22.96
O1 AMG F . 9.10 -6.12 21.65
O2 AMG F . 11.37 -5.69 20.10
O3 AMG F . 10.11 -5.82 17.58
O4 AMG F . 8.94 -8.40 17.81
O5 AMG F . 8.64 -8.16 20.64
O6 AMG F . 6.80 -9.88 19.19
C1 AMG G . -16.00 11.35 -20.47
C2 AMG G . -14.67 11.50 -19.76
C3 AMG G . -14.18 10.15 -19.25
C4 AMG G . -15.21 9.60 -18.26
C5 AMG G . -16.56 9.53 -18.96
C6 AMG G . -17.68 9.06 -18.05
C7 AMG G . -16.75 10.74 -22.60
O1 AMG G . -15.76 10.49 -21.56
O2 AMG G . -13.68 11.92 -20.71
O3 AMG G . -12.88 10.29 -18.68
O4 AMG G . -15.42 10.49 -17.14
O5 AMG G . -16.96 10.82 -19.53
O6 AMG G . -18.89 8.93 -18.82
S SO4 H . 18.95 -25.00 -3.55
O1 SO4 H . 17.67 -25.36 -2.96
O2 SO4 H . 19.83 -24.37 -2.56
O3 SO4 H . 19.58 -26.23 -4.06
O4 SO4 H . 18.79 -24.06 -4.66
S SO4 I . 20.77 1.09 9.21
O1 SO4 I . 21.60 -0.14 9.09
O2 SO4 I . 21.66 2.18 9.70
O3 SO4 I . 20.28 1.48 7.92
O4 SO4 I . 19.68 0.73 10.16
S SO4 J . 25.62 -16.81 5.73
O1 SO4 J . 26.04 -18.20 5.99
O2 SO4 J . 25.27 -16.15 6.99
O3 SO4 J . 26.78 -16.13 5.15
O4 SO4 J . 24.50 -16.82 4.78
S SO4 K . -13.17 20.10 7.13
S SO4 K . -14.20 20.53 5.56
O1 SO4 K . -13.56 18.77 7.60
O1 SO4 K . -13.69 21.48 4.54
O2 SO4 K . -12.15 20.62 8.03
O2 SO4 K . -15.55 20.02 5.28
O3 SO4 K . -12.63 20.02 5.78
O3 SO4 K . -13.27 19.40 5.66
O4 SO4 K . -14.33 20.98 7.16
O4 SO4 K . -14.16 21.16 6.88
S SO4 L . 3.94 -14.32 21.02
O1 SO4 L . 2.95 -13.23 21.31
O2 SO4 L . 4.29 -14.83 22.36
O3 SO4 L . 3.45 -15.38 20.15
O4 SO4 L . 5.06 -13.61 20.35
C ACT M . 9.66 -26.34 8.58
O ACT M . 10.11 -26.07 7.44
OXT ACT M . 10.08 -27.36 9.22
CH3 ACT M . 8.66 -25.43 9.12
#